data_3M8M
#
_entry.id   3M8M
#
_cell.length_a   160.570
_cell.length_b   45.300
_cell.length_c   52.830
_cell.angle_alpha   90.000
_cell.angle_beta   97.310
_cell.angle_gamma   90.000
#
_symmetry.space_group_name_H-M   'C 1 2 1'
#
loop_
_entity.id
_entity.type
_entity.pdbx_description
1 polymer 'Manganese peroxidase 1'
2 branched 2-acetamido-2-deoxy-beta-D-glucopyranose-(1-4)-2-acetamido-2-deoxy-beta-D-glucopyranose
3 non-polymer alpha-D-mannopyranose
4 non-polymer 'CALCIUM ION'
5 non-polymer GLYCEROL
6 non-polymer 'PROTOPORPHYRIN IX CONTAINING FE'
7 water water
#
_entity_poly.entity_id   1
_entity_poly.type   'polypeptide(L)'
_entity_poly.pdbx_seq_one_letter_code
;AVCPDGTRVSHAACCAFIPLAQDLQETIFQNECGEDAHEVIRLTFHDAIAISRSQGPKAGGGADGSMLLFPTVEPNFSAN
NGIDDSVNNLIPFMQKHNTISAADLVQFAGAVALSNCPGAPRLEFLAGRPNKTIAAVDGLIPEPQDSVTKILQRFEDAGG
FTPFEVVSLLASHSVARADKVDQTIDAAPFDSTPFTFDTQVFLEVLLKGVGFPGSANNTGEVASPLPLGSGSDTGEMRLQ
SDFALAHDPRTACIWQGFVNEQAFMAASFRAAMSKLAVLGHNRNSLIDCSDVVPVPKPATGQPAMFPASTGPQDLELSCP
SERFPTLTTQPGASQSLIAHCPDGSMSCPGVQFNGPA
;
_entity_poly.pdbx_strand_id   A
#
loop_
_chem_comp.id
_chem_comp.type
_chem_comp.name
_chem_comp.formula
CA non-polymer 'CALCIUM ION' 'Ca 2'
GOL non-polymer GLYCEROL 'C3 H8 O3'
HEM non-polymer 'PROTOPORPHYRIN IX CONTAINING FE' 'C34 H32 Fe N4 O4'
MAN D-saccharide, alpha linking alpha-D-mannopyranose 'C6 H12 O6'
NAG D-saccharide, beta linking 2-acetamido-2-deoxy-beta-D-glucopyranose 'C8 H15 N O6'
#
# COMPACT_ATOMS: atom_id res chain seq x y z
N ALA A 1 -27.44 0.64 -16.19
CA ALA A 1 -27.31 -0.52 -17.09
C ALA A 1 -27.47 -1.78 -16.24
N VAL A 2 -27.97 -2.81 -16.90
CA VAL A 2 -28.05 -4.12 -16.24
C VAL A 2 -27.01 -5.01 -16.94
N CYS A 3 -26.08 -5.56 -16.19
CA CYS A 3 -25.00 -6.38 -16.69
C CYS A 3 -25.45 -7.83 -16.92
N PRO A 4 -24.69 -8.62 -17.68
CA PRO A 4 -25.16 -9.95 -18.10
C PRO A 4 -25.51 -10.82 -16.90
N ASP A 5 -24.81 -10.53 -15.78
CA ASP A 5 -25.09 -11.26 -14.55
C ASP A 5 -26.33 -10.76 -13.83
N GLY A 6 -27.01 -9.75 -14.35
CA GLY A 6 -28.15 -9.20 -13.69
C GLY A 6 -27.83 -8.04 -12.77
N THR A 7 -26.56 -7.73 -12.50
CA THR A 7 -26.27 -6.62 -11.62
C THR A 7 -26.58 -5.30 -12.32
N ARG A 8 -27.34 -4.42 -11.65
CA ARG A 8 -27.55 -3.06 -12.12
C ARG A 8 -26.44 -2.10 -11.65
N VAL A 9 -25.86 -1.41 -12.62
CA VAL A 9 -24.73 -0.51 -12.39
C VAL A 9 -24.94 0.84 -13.04
N SER A 10 -24.10 1.78 -12.62
CA SER A 10 -24.16 3.16 -13.06
C SER A 10 -24.13 3.25 -14.58
N HIS A 11 -23.16 2.57 -15.17
CA HIS A 11 -22.80 2.75 -16.57
C HIS A 11 -22.47 1.38 -17.13
N ALA A 12 -22.90 1.15 -18.37
CA ALA A 12 -22.65 -0.10 -19.07
C ALA A 12 -21.16 -0.41 -19.13
N ALA A 13 -20.29 0.58 -19.26
CA ALA A 13 -18.85 0.34 -19.36
C ALA A 13 -18.25 -0.20 -18.06
N CYS A 14 -18.98 -0.13 -16.96
CA CYS A 14 -18.52 -0.68 -15.72
C CYS A 14 -18.78 -2.16 -15.60
N CYS A 15 -19.64 -2.71 -16.43
CA CYS A 15 -20.04 -4.13 -16.27
C CYS A 15 -18.86 -5.08 -16.27
N ALA A 16 -17.89 -4.90 -17.15
CA ALA A 16 -16.82 -5.87 -17.28
C ALA A 16 -15.95 -5.99 -16.05
N PHE A 17 -16.01 -4.96 -15.17
CA PHE A 17 -15.23 -5.03 -13.92
C PHE A 17 -15.81 -6.00 -12.95
N ILE A 18 -17.10 -6.37 -13.04
CA ILE A 18 -17.71 -7.33 -12.12
C ILE A 18 -17.05 -8.70 -12.22
N PRO A 19 -16.99 -9.32 -13.40
CA PRO A 19 -16.30 -10.61 -13.46
C PRO A 19 -14.80 -10.45 -13.21
N LEU A 20 -14.18 -9.32 -13.49
CA LEU A 20 -12.78 -9.12 -13.18
C LEU A 20 -12.59 -9.17 -11.68
N ALA A 21 -13.40 -8.46 -10.90
CA ALA A 21 -13.25 -8.52 -9.45
C ALA A 21 -13.39 -9.96 -8.97
N GLN A 22 -14.40 -10.67 -9.45
CA GLN A 22 -14.63 -12.03 -8.98
C GLN A 22 -13.42 -12.89 -9.32
N ASP A 23 -12.87 -12.74 -10.52
CA ASP A 23 -11.70 -13.52 -10.93
C ASP A 23 -10.49 -13.19 -10.08
N LEU A 24 -10.27 -11.92 -9.82
CA LEU A 24 -9.14 -11.54 -8.95
C LEU A 24 -9.28 -12.14 -7.55
N GLN A 25 -10.48 -12.05 -7.00
CA GLN A 25 -10.72 -12.62 -5.67
C GLN A 25 -10.53 -14.13 -5.66
N GLU A 26 -11.13 -14.83 -6.62
CA GLU A 26 -11.04 -16.26 -6.60
C GLU A 26 -9.60 -16.75 -6.83
N THR A 27 -8.90 -16.03 -7.73
CA THR A 27 -7.62 -16.54 -8.23
C THR A 27 -6.43 -16.12 -7.40
N ILE A 28 -6.32 -14.83 -7.05
CA ILE A 28 -5.14 -14.33 -6.39
C ILE A 28 -5.34 -13.78 -4.99
N PHE A 29 -6.52 -13.26 -4.61
CA PHE A 29 -6.62 -12.68 -3.26
C PHE A 29 -7.34 -13.56 -2.24
N GLN A 30 -8.30 -14.39 -2.69
CA GLN A 30 -9.14 -15.20 -1.84
C GLN A 30 -9.82 -14.37 -0.74
N ASN A 31 -10.24 -13.15 -1.09
CA ASN A 31 -10.93 -12.27 -0.15
C ASN A 31 -10.09 -11.91 1.06
N GLU A 32 -8.76 -12.10 0.98
CA GLU A 32 -7.85 -11.83 2.05
C GLU A 32 -7.01 -10.58 1.74
N CYS A 33 -6.60 -9.93 2.82
CA CYS A 33 -5.59 -8.87 2.78
C CYS A 33 -4.21 -9.44 2.99
N GLY A 34 -3.88 -10.46 2.20
CA GLY A 34 -2.67 -11.24 2.37
C GLY A 34 -1.60 -10.88 1.37
N GLU A 35 -0.63 -11.79 1.20
CA GLU A 35 0.55 -11.53 0.40
C GLU A 35 0.21 -10.98 -0.98
N ASP A 36 -0.66 -11.66 -1.73
CA ASP A 36 -0.90 -11.22 -3.11
C ASP A 36 -1.64 -9.88 -3.16
N ALA A 37 -2.56 -9.65 -2.22
CA ALA A 37 -3.22 -8.36 -2.12
C ALA A 37 -2.21 -7.25 -1.85
N HIS A 38 -1.32 -7.45 -0.85
CA HIS A 38 -0.31 -6.46 -0.54
C HIS A 38 0.53 -6.10 -1.75
N GLU A 39 0.93 -7.14 -2.51
CA GLU A 39 1.78 -6.91 -3.66
C GLU A 39 1.08 -6.04 -4.69
N VAL A 40 -0.19 -6.30 -4.94
CA VAL A 40 -0.99 -5.49 -5.89
C VAL A 40 -1.17 -4.08 -5.41
N ILE A 41 -1.38 -3.89 -4.11
CA ILE A 41 -1.53 -2.51 -3.58
C ILE A 41 -0.26 -1.73 -3.85
N ARG A 42 0.91 -2.35 -3.58
CA ARG A 42 2.18 -1.66 -3.86
C ARG A 42 2.30 -1.32 -5.33
N LEU A 43 1.92 -2.26 -6.22
CA LEU A 43 1.97 -2.01 -7.65
C LEU A 43 1.12 -0.85 -8.08
N THR A 44 -0.03 -0.64 -7.45
CA THR A 44 -0.87 0.49 -7.80
C THR A 44 -0.12 1.79 -7.66
N PHE A 45 0.66 1.92 -6.55
CA PHE A 45 1.49 3.08 -6.31
C PHE A 45 2.66 3.18 -7.28
N HIS A 46 3.40 2.08 -7.48
CA HIS A 46 4.57 2.17 -8.38
C HIS A 46 4.13 2.44 -9.82
N ASP A 47 2.98 1.90 -10.23
CA ASP A 47 2.49 2.25 -11.58
C ASP A 47 2.20 3.75 -11.61
N ALA A 48 1.43 4.26 -10.68
CA ALA A 48 0.89 5.60 -10.75
C ALA A 48 1.98 6.70 -10.61
N ILE A 49 2.94 6.52 -9.70
CA ILE A 49 3.80 7.62 -9.27
C ILE A 49 4.90 7.94 -10.27
N ALA A 50 5.08 7.05 -11.27
CA ALA A 50 6.15 7.23 -12.27
C ALA A 50 5.65 8.20 -13.36
N ILE A 51 5.68 9.46 -12.97
CA ILE A 51 5.26 10.62 -13.76
C ILE A 51 5.99 11.80 -13.14
N SER A 52 6.31 12.81 -13.97
CA SER A 52 7.02 13.99 -13.48
C SER A 52 6.53 15.23 -14.23
N ARG A 53 6.01 16.19 -13.45
CA ARG A 53 5.66 17.49 -14.03
C ARG A 53 6.87 18.15 -14.67
N SER A 54 7.99 18.16 -13.96
CA SER A 54 9.18 18.90 -14.41
C SER A 54 9.82 18.27 -15.63
N GLN A 55 9.88 16.95 -15.67
CA GLN A 55 10.52 16.26 -16.76
C GLN A 55 9.67 16.16 -18.02
N GLY A 56 8.36 16.25 -17.87
CA GLY A 56 7.44 16.15 -18.95
C GLY A 56 7.02 14.71 -19.27
N PRO A 57 6.12 14.57 -20.23
CA PRO A 57 5.47 13.29 -20.46
C PRO A 57 6.45 12.20 -20.84
N LYS A 58 7.61 12.47 -21.44
CA LYS A 58 8.52 11.39 -21.86
C LYS A 58 9.10 10.66 -20.64
N ALA A 59 9.03 11.24 -19.45
CA ALA A 59 9.54 10.53 -18.25
C ALA A 59 8.57 9.42 -17.81
N GLY A 60 7.31 9.50 -18.20
CA GLY A 60 6.32 8.48 -17.80
C GLY A 60 4.93 9.05 -17.77
N GLY A 61 3.97 8.14 -17.96
CA GLY A 61 2.59 8.47 -18.08
C GLY A 61 1.72 8.25 -16.86
N GLY A 62 2.31 8.00 -15.70
CA GLY A 62 1.50 7.89 -14.47
C GLY A 62 0.77 6.57 -14.40
N ALA A 63 -0.51 6.62 -13.99
CA ALA A 63 -1.35 5.44 -13.80
C ALA A 63 -1.80 4.95 -15.17
N ASP A 64 -0.91 4.27 -15.86
CA ASP A 64 -0.99 3.99 -17.29
C ASP A 64 -0.72 2.55 -17.64
N GLY A 65 -0.59 1.66 -16.65
CA GLY A 65 -0.32 0.27 -16.94
C GLY A 65 1.05 0.01 -17.50
N SER A 66 1.97 0.97 -17.42
CA SER A 66 3.32 0.82 -18.00
C SER A 66 4.05 -0.38 -17.41
N MET A 67 3.80 -0.70 -16.14
CA MET A 67 4.42 -1.86 -15.49
C MET A 67 4.04 -3.17 -16.19
N LEU A 68 2.77 -3.29 -16.64
CA LEU A 68 2.28 -4.45 -17.31
C LEU A 68 2.62 -4.48 -18.82
N LEU A 69 2.60 -3.31 -19.45
CA LEU A 69 2.77 -3.20 -20.88
C LEU A 69 4.25 -3.23 -21.31
N PHE A 70 5.13 -2.87 -20.39
CA PHE A 70 6.59 -2.90 -20.56
C PHE A 70 7.20 -3.67 -19.42
N PRO A 71 6.91 -4.96 -19.28
CA PRO A 71 7.27 -5.69 -18.06
C PRO A 71 8.75 -5.89 -17.86
N THR A 72 9.56 -5.71 -18.90
CA THR A 72 10.99 -5.88 -18.78
C THR A 72 11.75 -4.57 -18.46
N VAL A 73 11.04 -3.46 -18.36
CA VAL A 73 11.74 -2.16 -18.19
C VAL A 73 11.65 -1.79 -16.71
N GLU A 74 10.55 -1.09 -16.28
CA GLU A 74 10.54 -0.58 -14.93
C GLU A 74 10.66 -1.64 -13.87
N PRO A 75 10.04 -2.82 -13.97
CA PRO A 75 10.16 -3.79 -12.87
C PRO A 75 11.60 -4.16 -12.55
N ASN A 76 12.54 -3.97 -13.48
CA ASN A 76 13.93 -4.28 -13.26
C ASN A 76 14.74 -3.13 -12.74
N PHE A 77 14.17 -1.95 -12.55
CA PHE A 77 14.87 -0.89 -11.85
C PHE A 77 15.06 -1.27 -10.40
N SER A 78 16.16 -0.85 -9.79
CA SER A 78 16.39 -1.26 -8.40
C SER A 78 15.32 -0.81 -7.45
N ALA A 79 14.71 0.36 -7.66
CA ALA A 79 13.69 0.84 -6.76
C ALA A 79 12.39 0.04 -6.87
N ASN A 80 12.26 -0.74 -7.91
CA ASN A 80 11.10 -1.59 -8.15
C ASN A 80 11.37 -3.05 -7.80
N ASN A 81 12.40 -3.34 -7.03
CA ASN A 81 12.70 -4.72 -6.69
C ASN A 81 11.52 -5.33 -5.97
N GLY A 82 11.12 -6.50 -6.46
CA GLY A 82 9.99 -7.23 -5.96
C GLY A 82 8.64 -6.96 -6.63
N ILE A 83 8.56 -5.95 -7.46
CA ILE A 83 7.32 -5.64 -8.17
C ILE A 83 6.97 -6.70 -9.22
N ASP A 84 7.97 -7.43 -9.68
CA ASP A 84 7.77 -8.48 -10.69
C ASP A 84 6.61 -9.40 -10.40
N ASP A 85 6.49 -9.88 -9.13
CA ASP A 85 5.45 -10.88 -8.85
C ASP A 85 4.04 -10.34 -9.12
N SER A 86 3.78 -9.10 -8.73
CA SER A 86 2.47 -8.50 -8.95
C SER A 86 2.21 -8.31 -10.45
N VAL A 87 3.20 -7.88 -11.19
CA VAL A 87 3.08 -7.71 -12.61
C VAL A 87 2.73 -9.02 -13.28
N ASN A 88 3.50 -10.07 -12.94
CA ASN A 88 3.25 -11.40 -13.49
C ASN A 88 1.89 -11.95 -13.08
N ASN A 89 1.41 -11.59 -11.90
CA ASN A 89 0.09 -12.00 -11.49
C ASN A 89 -1.04 -11.26 -12.24
N LEU A 90 -0.83 -10.02 -12.62
CA LEU A 90 -1.91 -9.28 -13.33
C LEU A 90 -1.91 -9.47 -14.83
N ILE A 91 -0.77 -9.73 -15.45
CA ILE A 91 -0.76 -9.93 -16.92
C ILE A 91 -1.78 -10.92 -17.40
N PRO A 92 -1.97 -12.09 -16.76
CA PRO A 92 -3.00 -13.02 -17.27
C PRO A 92 -4.39 -12.41 -17.26
N PHE A 93 -4.69 -11.58 -16.32
CA PHE A 93 -5.99 -10.92 -16.26
C PHE A 93 -6.14 -9.90 -17.37
N MET A 94 -5.07 -9.18 -17.69
CA MET A 94 -5.05 -8.25 -18.83
C MET A 94 -5.39 -8.98 -20.10
N GLN A 95 -4.81 -10.19 -20.29
CA GLN A 95 -5.02 -10.94 -21.50
C GLN A 95 -6.43 -11.49 -21.59
N LYS A 96 -7.02 -11.91 -20.48
CA LYS A 96 -8.33 -12.55 -20.43
C LYS A 96 -9.42 -11.51 -20.47
N HIS A 97 -9.33 -10.53 -19.56
CA HIS A 97 -10.34 -9.49 -19.39
C HIS A 97 -9.95 -8.33 -20.32
N ASN A 98 -10.05 -8.63 -21.61
CA ASN A 98 -9.38 -7.87 -22.65
C ASN A 98 -10.23 -6.76 -23.21
N THR A 99 -11.23 -6.34 -22.46
CA THR A 99 -11.90 -5.09 -22.69
C THR A 99 -11.48 -3.99 -21.74
N ILE A 100 -10.68 -4.33 -20.74
CA ILE A 100 -10.23 -3.43 -19.68
C ILE A 100 -8.75 -3.14 -19.86
N SER A 101 -8.39 -1.84 -19.97
CA SER A 101 -6.99 -1.47 -20.18
C SER A 101 -6.11 -1.92 -19.02
N ALA A 102 -4.83 -2.10 -19.35
CA ALA A 102 -3.85 -2.42 -18.30
C ALA A 102 -3.87 -1.40 -17.17
N ALA A 103 -3.98 -0.13 -17.53
CA ALA A 103 -3.99 0.92 -16.51
C ALA A 103 -5.18 0.81 -15.56
N ASP A 104 -6.36 0.59 -16.15
CA ASP A 104 -7.57 0.41 -15.34
C ASP A 104 -7.49 -0.86 -14.51
N LEU A 105 -6.96 -1.94 -15.06
CA LEU A 105 -6.75 -3.18 -14.31
C LEU A 105 -5.95 -2.95 -13.06
N VAL A 106 -4.82 -2.24 -13.20
CA VAL A 106 -3.96 -2.02 -12.05
C VAL A 106 -4.71 -1.31 -10.95
N GLN A 107 -5.35 -0.17 -11.30
CA GLN A 107 -6.02 0.61 -10.26
C GLN A 107 -7.18 -0.15 -9.66
N PHE A 108 -7.95 -0.82 -10.48
CA PHE A 108 -9.09 -1.60 -9.96
C PHE A 108 -8.64 -2.72 -9.07
N ALA A 109 -7.61 -3.45 -9.49
CA ALA A 109 -7.08 -4.57 -8.70
C ALA A 109 -6.66 -4.09 -7.33
N GLY A 110 -6.02 -2.91 -7.27
CA GLY A 110 -5.70 -2.39 -5.97
C GLY A 110 -6.86 -2.06 -5.10
N ALA A 111 -7.91 -1.48 -5.68
CA ALA A 111 -9.12 -1.21 -4.96
C ALA A 111 -9.75 -2.49 -4.41
N VAL A 112 -9.79 -3.54 -5.24
CA VAL A 112 -10.34 -4.83 -4.81
C VAL A 112 -9.49 -5.40 -3.68
N ALA A 113 -8.16 -5.38 -3.84
CA ALA A 113 -7.26 -5.89 -2.80
C ALA A 113 -7.47 -5.17 -1.48
N LEU A 114 -7.52 -3.83 -1.53
CA LEU A 114 -7.70 -3.03 -0.33
C LEU A 114 -9.01 -3.37 0.37
N SER A 115 -10.06 -3.66 -0.40
CA SER A 115 -11.35 -3.98 0.16
C SER A 115 -11.32 -5.18 1.06
N ASN A 116 -10.30 -6.03 0.93
CA ASN A 116 -10.18 -7.20 1.79
C ASN A 116 -9.53 -6.89 3.16
N CYS A 117 -9.09 -5.66 3.36
CA CYS A 117 -8.36 -5.29 4.58
C CYS A 117 -9.30 -4.58 5.56
N PRO A 118 -9.65 -5.21 6.67
CA PRO A 118 -10.60 -4.58 7.60
C PRO A 118 -10.21 -3.14 7.92
N GLY A 119 -11.19 -2.25 7.75
CA GLY A 119 -10.95 -0.83 7.96
C GLY A 119 -10.67 -0.01 6.77
N ALA A 120 -10.32 -0.62 5.65
CA ALA A 120 -9.94 0.17 4.46
C ALA A 120 -11.19 0.89 3.90
N PRO A 121 -10.95 2.00 3.25
CA PRO A 121 -12.05 2.67 2.49
C PRO A 121 -12.37 1.88 1.23
N ARG A 122 -13.52 2.22 0.69
CA ARG A 122 -13.99 1.76 -0.64
C ARG A 122 -13.50 2.78 -1.64
N LEU A 123 -12.38 2.51 -2.32
CA LEU A 123 -11.77 3.54 -3.15
C LEU A 123 -12.73 4.04 -4.23
N GLU A 124 -12.61 5.33 -4.57
CA GLU A 124 -13.14 5.77 -5.84
C GLU A 124 -12.46 4.99 -6.95
N PHE A 125 -13.24 4.61 -7.96
CA PHE A 125 -12.67 3.95 -9.15
C PHE A 125 -13.28 4.58 -10.40
N LEU A 126 -12.46 5.35 -11.10
CA LEU A 126 -12.81 5.87 -12.40
C LEU A 126 -12.18 4.99 -13.46
N ALA A 127 -12.80 4.81 -14.58
CA ALA A 127 -12.39 3.94 -15.66
C ALA A 127 -12.23 4.71 -16.97
N GLY A 128 -11.52 4.08 -17.91
CA GLY A 128 -11.32 4.65 -19.22
C GLY A 128 -9.93 5.11 -19.53
N ARG A 129 -8.93 4.71 -18.73
CA ARG A 129 -7.56 5.06 -19.06
C ARG A 129 -7.16 4.29 -20.32
N PRO A 130 -6.44 4.92 -21.27
CA PRO A 130 -6.03 4.21 -22.48
C PRO A 130 -5.15 3.02 -22.21
N ASN A 131 -5.08 2.12 -23.19
CA ASN A 131 -4.26 0.91 -23.17
C ASN A 131 -2.92 1.07 -23.90
N LYS A 132 -2.47 2.29 -24.15
CA LYS A 132 -1.20 2.53 -24.81
C LYS A 132 -0.43 3.57 -24.01
N THR A 133 0.86 3.32 -23.86
CA THR A 133 1.72 4.24 -23.13
C THR A 133 3.15 3.99 -23.54
N ILE A 134 4.07 4.49 -22.74
CA ILE A 134 5.52 4.38 -22.85
C ILE A 134 6.02 3.77 -21.53
N ALA A 135 7.23 3.22 -21.57
CA ALA A 135 7.91 2.84 -20.34
C ALA A 135 8.41 4.07 -19.62
N ALA A 136 8.26 4.12 -18.29
CA ALA A 136 8.79 5.24 -17.53
C ALA A 136 10.31 5.16 -17.42
N VAL A 137 10.89 6.27 -17.03
CA VAL A 137 12.32 6.36 -16.72
C VAL A 137 12.58 6.02 -15.26
N ASP A 138 13.84 5.71 -14.97
CA ASP A 138 14.26 5.37 -13.63
C ASP A 138 14.27 6.63 -12.76
N GLY A 139 14.28 6.46 -11.46
CA GLY A 139 14.42 7.56 -10.51
C GLY A 139 13.12 8.18 -10.01
N LEU A 140 11.97 7.69 -10.44
CA LEU A 140 10.68 8.28 -10.08
C LEU A 140 10.03 7.67 -8.87
N ILE A 141 10.57 6.53 -8.41
CA ILE A 141 10.00 5.80 -7.30
C ILE A 141 10.71 6.15 -6.02
N PRO A 142 10.02 6.64 -4.97
CA PRO A 142 10.66 6.87 -3.69
C PRO A 142 11.27 5.58 -3.14
N GLU A 143 12.40 5.77 -2.42
CA GLU A 143 13.12 4.66 -1.80
C GLU A 143 13.27 4.92 -0.30
N PRO A 144 13.37 3.84 0.48
CA PRO A 144 13.30 3.99 1.93
C PRO A 144 14.48 4.76 2.55
N GLN A 145 15.62 4.82 1.84
CA GLN A 145 16.76 5.58 2.29
C GLN A 145 16.64 7.07 2.00
N ASP A 146 15.61 7.49 1.28
CA ASP A 146 15.49 8.88 0.87
C ASP A 146 15.13 9.79 2.03
N SER A 147 15.60 11.03 1.92
CA SER A 147 15.27 12.05 2.89
C SER A 147 13.80 12.50 2.73
N VAL A 148 13.28 13.11 3.79
CA VAL A 148 11.94 13.69 3.71
C VAL A 148 11.91 14.79 2.65
N THR A 149 12.93 15.64 2.54
CA THR A 149 12.92 16.64 1.47
C THR A 149 12.76 15.98 0.11
N LYS A 150 13.54 14.92 -0.14
CA LYS A 150 13.49 14.24 -1.43
C LYS A 150 12.14 13.58 -1.67
N ILE A 151 11.60 12.90 -0.67
CA ILE A 151 10.30 12.26 -0.79
C ILE A 151 9.21 13.28 -1.08
N LEU A 152 9.15 14.34 -0.27
CA LEU A 152 8.10 15.32 -0.46
C LEU A 152 8.22 15.95 -1.86
N GLN A 153 9.44 16.24 -2.29
CA GLN A 153 9.61 16.83 -3.63
C GLN A 153 9.19 15.86 -4.70
N ARG A 154 9.44 14.57 -4.57
CA ARG A 154 9.07 13.60 -5.55
C ARG A 154 7.56 13.57 -5.72
N PHE A 155 6.84 13.54 -4.57
CA PHE A 155 5.39 13.56 -4.64
C PHE A 155 4.83 14.91 -5.15
N GLU A 156 5.45 16.02 -4.82
CA GLU A 156 5.02 17.30 -5.38
C GLU A 156 5.19 17.29 -6.90
N ASP A 157 6.35 16.82 -7.35
CA ASP A 157 6.61 16.79 -8.79
C ASP A 157 5.73 15.78 -9.52
N ALA A 158 5.37 14.68 -8.87
CA ALA A 158 4.54 13.67 -9.57
C ALA A 158 3.13 14.18 -9.77
N GLY A 159 2.56 14.84 -8.77
CA GLY A 159 1.13 15.14 -8.84
C GLY A 159 0.67 16.26 -7.95
N GLY A 160 1.56 17.09 -7.46
CA GLY A 160 1.14 18.18 -6.55
C GLY A 160 0.68 17.70 -5.22
N PHE A 161 1.09 16.51 -4.77
CA PHE A 161 0.65 16.01 -3.49
C PHE A 161 1.22 16.88 -2.38
N THR A 162 0.40 17.18 -1.39
CA THR A 162 0.80 17.85 -0.19
C THR A 162 1.44 16.87 0.78
N PRO A 163 2.20 17.37 1.78
CA PRO A 163 2.69 16.46 2.81
C PRO A 163 1.59 15.69 3.50
N PHE A 164 0.43 16.33 3.74
CA PHE A 164 -0.70 15.62 4.34
C PHE A 164 -1.11 14.42 3.45
N GLU A 165 -1.19 14.66 2.15
CA GLU A 165 -1.54 13.55 1.23
C GLU A 165 -0.49 12.46 1.20
N VAL A 166 0.79 12.83 1.28
CA VAL A 166 1.84 11.82 1.31
C VAL A 166 1.72 10.91 2.51
N VAL A 167 1.61 11.53 3.70
CA VAL A 167 1.51 10.70 4.91
C VAL A 167 0.21 9.89 4.92
N SER A 168 -0.87 10.46 4.37
CA SER A 168 -2.12 9.74 4.20
C SER A 168 -1.94 8.46 3.37
N LEU A 169 -1.19 8.58 2.28
CA LEU A 169 -0.96 7.42 1.39
C LEU A 169 -0.19 6.33 2.14
N LEU A 170 0.67 6.73 3.10
CA LEU A 170 1.46 5.78 3.90
C LEU A 170 0.60 5.03 4.87
N ALA A 171 -0.70 5.27 4.99
CA ALA A 171 -1.57 4.35 5.69
C ALA A 171 -1.49 2.95 5.10
N SER A 172 -1.10 2.83 3.79
CA SER A 172 -0.88 1.56 3.20
C SER A 172 0.18 0.72 3.91
N HIS A 173 1.08 1.37 4.63
CA HIS A 173 2.10 0.60 5.39
C HIS A 173 1.50 -0.08 6.60
N SER A 174 0.19 0.16 6.87
CA SER A 174 -0.55 -0.63 7.83
C SER A 174 -0.82 -2.05 7.33
N VAL A 175 -0.68 -2.30 6.06
CA VAL A 175 -0.96 -3.61 5.44
C VAL A 175 0.19 -3.97 4.50
N ALA A 176 1.39 -4.04 5.04
CA ALA A 176 2.59 -4.06 4.22
C ALA A 176 3.72 -4.79 4.89
N ARG A 177 4.47 -5.56 4.09
CA ARG A 177 5.64 -6.26 4.56
C ARG A 177 6.80 -6.13 3.54
N ALA A 178 7.99 -6.47 3.98
CA ALA A 178 9.17 -6.31 3.15
C ALA A 178 9.90 -7.65 2.96
N ASP A 179 10.20 -7.95 1.68
CA ASP A 179 10.98 -9.12 1.29
C ASP A 179 12.41 -8.77 0.83
N LYS A 180 12.63 -7.57 0.38
CA LYS A 180 13.89 -7.22 -0.34
C LYS A 180 14.78 -6.38 0.50
N VAL A 181 14.29 -5.65 1.48
CA VAL A 181 15.12 -4.77 2.28
C VAL A 181 16.22 -5.57 2.97
N ASP A 182 15.86 -6.69 3.56
CA ASP A 182 16.80 -7.57 4.23
C ASP A 182 16.75 -8.91 3.51
N GLN A 183 17.80 -9.32 2.91
CA GLN A 183 17.96 -10.52 2.11
C GLN A 183 17.73 -11.81 2.88
N THR A 184 17.90 -11.74 4.18
CA THR A 184 17.89 -12.91 4.99
C THR A 184 16.55 -13.30 5.55
N ILE A 185 15.57 -12.44 5.53
CA ILE A 185 14.23 -12.69 6.03
C ILE A 185 13.21 -12.28 4.97
N ASP A 186 12.04 -12.92 5.06
CA ASP A 186 10.93 -12.67 4.18
C ASP A 186 9.76 -12.14 4.96
N ALA A 187 8.99 -11.29 4.31
CA ALA A 187 7.69 -10.88 4.83
C ALA A 187 7.78 -10.22 6.20
N ALA A 188 8.68 -9.24 6.33
CA ALA A 188 8.83 -8.51 7.57
C ALA A 188 7.78 -7.39 7.62
N PRO A 189 6.79 -7.48 8.52
CA PRO A 189 5.70 -6.49 8.47
C PRO A 189 6.10 -5.14 9.05
N PHE A 190 5.42 -4.08 8.55
CA PHE A 190 5.69 -2.75 9.04
C PHE A 190 4.83 -2.37 10.26
N ASP A 191 3.78 -3.14 10.53
CA ASP A 191 3.08 -3.03 11.82
C ASP A 191 2.72 -4.40 12.29
N SER A 192 2.21 -4.49 13.52
CA SER A 192 1.86 -5.73 14.16
C SER A 192 0.56 -6.34 13.65
N THR A 193 -0.11 -5.66 12.71
CA THR A 193 -1.38 -6.09 12.17
C THR A 193 -1.37 -5.91 10.63
N PRO A 194 -0.51 -6.66 9.93
CA PRO A 194 -0.33 -6.42 8.50
C PRO A 194 -1.49 -6.88 7.62
N PHE A 195 -2.51 -7.53 8.22
CA PHE A 195 -3.72 -7.91 7.50
C PHE A 195 -4.87 -6.97 7.85
N THR A 196 -4.65 -5.92 8.62
CA THR A 196 -5.69 -5.05 9.14
C THR A 196 -5.34 -3.62 8.82
N PHE A 197 -6.25 -2.89 8.17
CA PHE A 197 -6.03 -1.50 7.76
C PHE A 197 -6.44 -0.57 8.93
N ASP A 198 -5.61 -0.60 9.96
CA ASP A 198 -5.76 0.11 11.21
C ASP A 198 -4.64 1.12 11.36
N THR A 199 -4.58 1.80 12.51
CA THR A 199 -3.64 2.86 12.72
C THR A 199 -2.37 2.41 13.42
N GLN A 200 -2.17 1.08 13.57
CA GLN A 200 -1.03 0.58 14.31
C GLN A 200 0.29 1.05 13.74
N VAL A 201 0.47 1.14 12.45
CA VAL A 201 1.75 1.58 11.92
C VAL A 201 2.14 2.95 12.44
N PHE A 202 1.15 3.85 12.53
CA PHE A 202 1.45 5.22 12.98
C PHE A 202 1.95 5.22 14.43
N LEU A 203 1.29 4.43 15.28
CA LEU A 203 1.73 4.27 16.66
C LEU A 203 3.13 3.64 16.73
N GLU A 204 3.27 2.50 16.04
CA GLU A 204 4.45 1.66 16.27
C GLU A 204 5.71 2.29 15.75
N VAL A 205 5.66 3.10 14.68
CA VAL A 205 6.87 3.77 14.23
C VAL A 205 7.37 4.77 15.25
N LEU A 206 6.50 5.29 16.14
CA LEU A 206 6.88 6.22 17.18
C LEU A 206 7.49 5.60 18.40
N LEU A 207 7.59 4.27 18.48
CA LEU A 207 8.19 3.62 19.61
C LEU A 207 9.72 3.53 19.47
N LYS A 208 10.44 3.51 20.58
CA LYS A 208 11.90 3.31 20.52
C LYS A 208 12.22 1.95 19.91
N GLY A 209 13.12 1.98 18.93
CA GLY A 209 13.64 0.78 18.35
C GLY A 209 14.54 0.00 19.30
N VAL A 210 14.47 -1.31 19.31
CA VAL A 210 15.27 -2.14 20.25
C VAL A 210 16.03 -3.22 19.53
N GLY A 211 15.89 -3.44 18.25
CA GLY A 211 16.67 -4.43 17.54
C GLY A 211 16.22 -4.49 16.11
N PHE A 212 16.59 -5.50 15.38
CA PHE A 212 16.28 -5.67 13.98
C PHE A 212 15.67 -7.04 13.75
N PRO A 213 14.75 -7.16 12.81
CA PRO A 213 14.12 -8.49 12.59
C PRO A 213 15.07 -9.46 11.90
N GLY A 214 16.07 -8.93 11.20
CA GLY A 214 17.08 -9.70 10.51
C GLY A 214 18.45 -9.15 10.87
N SER A 215 19.18 -8.72 9.84
CA SER A 215 20.48 -8.03 10.09
C SER A 215 20.32 -6.53 10.32
N ALA A 216 21.36 -5.89 10.87
CA ALA A 216 21.42 -4.53 11.36
C ALA A 216 21.96 -3.54 10.34
N ASN A 217 22.32 -4.01 9.16
CA ASN A 217 23.10 -3.18 8.24
C ASN A 217 22.43 -2.96 6.88
N ASN A 218 21.12 -2.94 6.80
CA ASN A 218 20.47 -2.83 5.53
C ASN A 218 20.17 -1.34 5.22
N THR A 219 20.43 -0.98 3.96
CA THR A 219 20.03 0.30 3.43
C THR A 219 18.53 0.49 3.57
N GLY A 220 18.17 1.69 4.06
CA GLY A 220 16.75 1.99 4.13
C GLY A 220 16.02 1.49 5.37
N GLU A 221 16.72 0.89 6.30
CA GLU A 221 16.10 0.26 7.48
C GLU A 221 16.67 0.91 8.72
N VAL A 222 15.85 1.03 9.78
CA VAL A 222 16.29 1.48 11.09
C VAL A 222 15.75 0.48 12.12
N ALA A 223 16.16 0.64 13.40
CA ALA A 223 15.79 -0.26 14.42
C ALA A 223 14.26 -0.29 14.59
N SER A 224 13.78 -1.51 14.89
CA SER A 224 12.36 -1.84 15.07
C SER A 224 12.04 -1.98 16.55
N PRO A 225 10.81 -1.65 16.93
CA PRO A 225 10.40 -1.83 18.32
C PRO A 225 9.92 -3.24 18.65
N LEU A 226 9.69 -4.01 17.62
CA LEU A 226 9.08 -5.34 17.76
C LEU A 226 9.82 -6.34 16.89
N PRO A 227 11.15 -6.51 17.12
CA PRO A 227 11.99 -7.24 16.17
C PRO A 227 11.88 -8.77 16.28
N LEU A 228 11.30 -9.38 17.24
CA LEU A 228 11.25 -10.75 17.51
C LEU A 228 10.49 -11.46 16.39
N GLY A 229 11.14 -12.47 15.84
CA GLY A 229 10.51 -13.39 14.93
C GLY A 229 10.87 -14.82 15.25
N SER A 230 10.09 -15.75 14.73
CA SER A 230 10.32 -17.18 14.95
C SER A 230 9.61 -17.90 13.83
N GLY A 231 10.26 -18.91 13.27
CA GLY A 231 9.68 -19.65 12.22
C GLY A 231 9.33 -18.74 11.06
N SER A 232 8.12 -18.83 10.53
CA SER A 232 7.64 -17.99 9.45
C SER A 232 7.20 -16.60 9.89
N ASP A 233 7.07 -16.45 11.20
CA ASP A 233 6.53 -15.22 11.77
C ASP A 233 7.65 -14.21 11.97
N THR A 234 7.99 -13.51 10.89
CA THR A 234 9.07 -12.55 10.92
C THR A 234 8.72 -11.35 11.78
N GLY A 235 9.74 -10.79 12.46
CA GLY A 235 9.59 -9.60 13.26
C GLY A 235 9.27 -8.37 12.41
N GLU A 236 8.77 -7.33 13.11
CA GLU A 236 8.52 -6.05 12.48
C GLU A 236 9.78 -5.38 11.99
N MET A 237 9.68 -4.80 10.79
CA MET A 237 10.70 -3.96 10.20
C MET A 237 10.26 -2.48 10.23
N ARG A 238 11.21 -1.61 10.41
CA ARG A 238 11.01 -0.19 10.31
C ARG A 238 11.85 0.40 9.19
N LEU A 239 11.17 1.10 8.27
CA LEU A 239 11.83 1.81 7.22
C LEU A 239 12.37 3.15 7.70
N GLN A 240 13.55 3.51 7.19
CA GLN A 240 14.10 4.84 7.50
C GLN A 240 13.16 5.94 7.08
N SER A 241 12.49 5.78 5.94
CA SER A 241 11.63 6.85 5.44
C SER A 241 10.45 7.06 6.36
N ASP A 242 9.79 6.01 6.85
CA ASP A 242 8.65 6.13 7.74
C ASP A 242 9.10 6.80 9.04
N PHE A 243 10.23 6.32 9.59
CA PHE A 243 10.82 6.92 10.78
C PHE A 243 11.05 8.42 10.57
N ALA A 244 11.70 8.75 9.43
CA ALA A 244 12.05 10.13 9.19
C ALA A 244 10.81 11.00 9.09
N LEU A 245 9.76 10.51 8.39
CA LEU A 245 8.50 11.22 8.28
C LEU A 245 7.82 11.43 9.63
N ALA A 246 7.91 10.42 10.49
CA ALA A 246 7.28 10.49 11.81
C ALA A 246 7.94 11.57 12.68
N HIS A 247 9.19 11.93 12.40
CA HIS A 247 9.91 12.88 13.22
C HIS A 247 10.20 14.22 12.59
N ASP A 248 10.07 14.34 11.28
CA ASP A 248 10.41 15.59 10.60
C ASP A 248 9.39 16.67 10.98
N PRO A 249 9.82 17.93 11.19
CA PRO A 249 8.84 18.98 11.51
C PRO A 249 7.73 19.17 10.49
N ARG A 250 8.00 18.84 9.24
CA ARG A 250 6.98 19.03 8.19
C ARG A 250 5.82 18.04 8.34
N THR A 251 6.08 16.85 8.89
CA THR A 251 5.17 15.73 8.83
C THR A 251 4.85 15.10 10.16
N ALA A 252 5.55 15.46 11.24
CA ALA A 252 5.39 14.77 12.52
C ALA A 252 3.98 14.89 13.06
N CYS A 253 3.41 16.09 13.03
CA CYS A 253 2.05 16.24 13.53
C CYS A 253 1.01 15.50 12.69
N ILE A 254 1.20 15.44 11.39
CA ILE A 254 0.32 14.69 10.50
C ILE A 254 0.41 13.20 10.86
N TRP A 255 1.64 12.70 11.01
CA TRP A 255 1.86 11.31 11.36
C TRP A 255 1.15 10.96 12.66
N GLN A 256 1.41 11.77 13.69
CA GLN A 256 0.80 11.51 14.99
C GLN A 256 -0.72 11.59 14.92
N GLY A 257 -1.22 12.50 14.08
CA GLY A 257 -2.64 12.74 13.98
C GLY A 257 -3.44 11.57 13.49
N PHE A 258 -2.81 10.55 12.91
CA PHE A 258 -3.51 9.36 12.53
C PHE A 258 -3.54 8.29 13.61
N VAL A 259 -2.71 8.41 14.66
CA VAL A 259 -2.71 7.41 15.72
C VAL A 259 -4.09 7.39 16.38
N ASN A 260 -4.70 6.21 16.44
CA ASN A 260 -6.01 6.07 17.11
C ASN A 260 -7.07 6.93 16.44
N GLU A 261 -6.93 7.24 15.14
CA GLU A 261 -7.91 8.01 14.40
C GLU A 261 -8.25 7.24 13.11
N GLN A 262 -8.90 6.10 13.27
CA GLN A 262 -9.14 5.19 12.14
C GLN A 262 -9.93 5.83 11.04
N ALA A 263 -11.07 6.41 11.39
CA ALA A 263 -11.95 6.97 10.36
C ALA A 263 -11.24 8.08 9.63
N PHE A 264 -10.50 8.93 10.33
CA PHE A 264 -9.76 10.01 9.74
C PHE A 264 -8.71 9.48 8.80
N MET A 265 -7.97 8.46 9.25
CA MET A 265 -6.95 7.85 8.40
C MET A 265 -7.56 7.28 7.13
N ALA A 266 -8.63 6.49 7.27
CA ALA A 266 -9.22 5.85 6.11
C ALA A 266 -9.75 6.86 5.12
N ALA A 267 -10.42 7.92 5.61
CA ALA A 267 -10.96 8.93 4.73
C ALA A 267 -9.86 9.68 4.00
N SER A 268 -8.77 9.96 4.73
CA SER A 268 -7.64 10.70 4.19
C SER A 268 -6.92 9.86 3.12
N PHE A 269 -6.76 8.59 3.39
CA PHE A 269 -6.23 7.65 2.42
C PHE A 269 -7.10 7.62 1.16
N ARG A 270 -8.43 7.51 1.34
CA ARG A 270 -9.29 7.49 0.17
C ARG A 270 -9.06 8.73 -0.70
N ALA A 271 -9.02 9.90 -0.04
CA ALA A 271 -8.91 11.14 -0.83
C ALA A 271 -7.59 11.17 -1.57
N ALA A 272 -6.49 10.78 -0.92
CA ALA A 272 -5.20 10.81 -1.62
C ALA A 272 -5.16 9.78 -2.75
N MET A 273 -5.75 8.61 -2.52
CA MET A 273 -5.77 7.58 -3.56
C MET A 273 -6.59 8.05 -4.74
N SER A 274 -7.65 8.84 -4.54
CA SER A 274 -8.45 9.35 -5.65
C SER A 274 -7.58 10.15 -6.60
N LYS A 275 -6.63 10.89 -6.05
CA LYS A 275 -5.68 11.66 -6.83
C LYS A 275 -4.62 10.77 -7.46
N LEU A 276 -4.06 9.83 -6.66
CA LEU A 276 -3.01 8.97 -7.16
C LEU A 276 -3.46 8.17 -8.37
N ALA A 277 -4.69 7.61 -8.30
CA ALA A 277 -5.17 6.68 -9.28
C ALA A 277 -5.39 7.29 -10.65
N VAL A 278 -5.45 8.63 -10.73
CA VAL A 278 -5.67 9.29 -12.01
C VAL A 278 -4.47 10.10 -12.44
N LEU A 279 -3.29 9.92 -11.82
CA LEU A 279 -2.10 10.59 -12.35
C LEU A 279 -1.92 10.20 -13.80
N GLY A 280 -1.60 11.20 -14.64
CA GLY A 280 -1.46 11.01 -16.05
C GLY A 280 -2.73 11.21 -16.85
N HIS A 281 -3.83 11.57 -16.19
CA HIS A 281 -5.15 11.69 -16.78
C HIS A 281 -5.85 12.91 -16.27
N ASN A 282 -6.80 13.41 -17.06
CA ASN A 282 -7.76 14.37 -16.58
C ASN A 282 -8.97 13.59 -16.05
N ARG A 283 -9.27 13.76 -14.74
CA ARG A 283 -10.36 12.99 -14.15
C ARG A 283 -11.72 13.25 -14.81
N ASN A 284 -11.83 14.42 -15.49
CA ASN A 284 -13.07 14.78 -16.15
C ASN A 284 -13.26 13.97 -17.42
N SER A 285 -12.25 13.16 -17.79
CA SER A 285 -12.31 12.29 -18.95
C SER A 285 -12.48 10.81 -18.64
N LEU A 286 -12.65 10.47 -17.36
CA LEU A 286 -12.82 9.12 -16.90
C LEU A 286 -14.21 8.92 -16.33
N ILE A 287 -14.84 7.80 -16.62
CA ILE A 287 -16.18 7.50 -16.13
C ILE A 287 -16.17 6.90 -14.73
N ASP A 288 -17.18 7.17 -13.94
CA ASP A 288 -17.19 6.73 -12.54
C ASP A 288 -17.78 5.31 -12.43
N CYS A 289 -16.91 4.38 -12.10
CA CYS A 289 -17.27 2.99 -11.89
C CYS A 289 -17.06 2.59 -10.43
N SER A 290 -17.22 3.54 -9.52
CA SER A 290 -17.02 3.27 -8.09
C SER A 290 -17.96 2.25 -7.56
N ASP A 291 -19.15 2.12 -8.13
CA ASP A 291 -20.15 1.20 -7.64
C ASP A 291 -19.82 -0.26 -7.88
N VAL A 292 -18.80 -0.61 -8.68
CA VAL A 292 -18.38 -1.97 -8.88
C VAL A 292 -17.14 -2.31 -8.07
N VAL A 293 -16.61 -1.38 -7.26
CA VAL A 293 -15.59 -1.77 -6.28
C VAL A 293 -16.28 -2.56 -5.15
N PRO A 294 -15.77 -3.68 -4.72
CA PRO A 294 -16.39 -4.41 -3.62
C PRO A 294 -16.49 -3.56 -2.37
N VAL A 295 -17.50 -3.80 -1.55
CA VAL A 295 -17.65 -3.19 -0.26
C VAL A 295 -16.54 -3.68 0.65
N PRO A 296 -15.83 -2.80 1.34
CA PRO A 296 -14.69 -3.28 2.15
C PRO A 296 -15.13 -3.92 3.43
N LYS A 297 -14.29 -4.80 3.93
CA LYS A 297 -14.48 -5.34 5.26
C LYS A 297 -14.41 -4.24 6.30
N PRO A 298 -15.37 -4.22 7.26
CA PRO A 298 -15.36 -3.17 8.29
C PRO A 298 -14.32 -3.39 9.36
N ALA A 299 -13.85 -2.31 9.97
CA ALA A 299 -13.01 -2.42 11.18
C ALA A 299 -13.88 -3.03 12.30
N THR A 300 -13.20 -3.56 13.34
CA THR A 300 -13.95 -3.93 14.54
C THR A 300 -14.35 -2.70 15.36
N GLY A 301 -13.73 -1.54 15.16
CA GLY A 301 -13.97 -0.35 15.89
C GLY A 301 -13.16 -0.19 17.16
N GLN A 302 -12.26 -1.10 17.41
CA GLN A 302 -11.45 -1.00 18.63
C GLN A 302 -10.36 0.06 18.47
N PRO A 303 -10.05 0.77 19.57
CA PRO A 303 -8.94 1.70 19.55
C PRO A 303 -7.59 1.04 19.29
N ALA A 304 -6.61 1.87 18.86
CA ALA A 304 -5.22 1.42 18.81
C ALA A 304 -4.77 1.11 20.24
N MET A 305 -3.81 0.20 20.31
CA MET A 305 -3.25 -0.26 21.57
C MET A 305 -1.74 -0.46 21.44
N PHE A 306 -1.01 -0.21 22.53
CA PHE A 306 0.39 -0.60 22.56
C PHE A 306 0.54 -2.12 22.53
N PRO A 307 1.33 -2.66 21.63
CA PRO A 307 1.61 -4.10 21.67
C PRO A 307 2.30 -4.50 22.95
N ALA A 308 2.11 -5.74 23.38
CA ALA A 308 2.86 -6.26 24.52
C ALA A 308 4.39 -6.05 24.28
N SER A 309 5.10 -5.66 25.30
CA SER A 309 6.50 -5.33 25.40
C SER A 309 6.77 -3.85 25.13
N THR A 310 5.73 -3.08 24.82
CA THR A 310 5.82 -1.64 24.63
C THR A 310 4.86 -0.90 25.54
N GLY A 311 5.07 0.39 25.64
CA GLY A 311 4.15 1.28 26.32
C GLY A 311 4.50 2.73 26.10
N PRO A 312 3.76 3.62 26.77
CA PRO A 312 3.97 5.04 26.62
C PRO A 312 5.36 5.55 26.91
N GLN A 313 6.05 4.86 27.85
CA GLN A 313 7.40 5.25 28.16
C GLN A 313 8.37 5.07 27.00
N ASP A 314 7.96 4.30 26.00
CA ASP A 314 8.79 4.05 24.80
C ASP A 314 8.55 5.05 23.70
N LEU A 315 7.60 5.95 23.82
CA LEU A 315 7.33 6.92 22.75
C LEU A 315 8.46 7.88 22.51
N GLU A 316 8.68 8.18 21.25
CA GLU A 316 9.60 9.21 20.77
C GLU A 316 8.77 10.28 20.05
N LEU A 317 8.25 11.25 20.82
CA LEU A 317 7.28 12.17 20.31
C LEU A 317 7.92 13.38 19.68
N SER A 318 7.26 13.90 18.63
CA SER A 318 7.77 14.97 17.82
C SER A 318 6.74 16.02 17.39
N CYS A 319 5.56 16.05 17.99
CA CYS A 319 4.52 17.01 17.66
C CYS A 319 4.16 17.87 18.86
N PRO A 320 4.71 19.07 18.98
CA PRO A 320 4.52 19.84 20.20
C PRO A 320 3.10 20.32 20.36
N SER A 321 2.32 20.42 19.34
CA SER A 321 1.03 21.07 19.41
C SER A 321 -0.17 20.16 19.48
N GLU A 322 0.01 18.83 19.53
CA GLU A 322 -1.11 17.94 19.61
C GLU A 322 -0.88 16.87 20.68
N ARG A 323 -1.85 16.68 21.57
CA ARG A 323 -1.74 15.71 22.66
C ARG A 323 -1.77 14.27 22.13
N PHE A 324 -0.83 13.46 22.47
CA PHE A 324 -0.76 12.05 22.13
C PHE A 324 -1.87 11.34 22.92
N PRO A 325 -2.65 10.48 22.28
CA PRO A 325 -3.80 9.90 22.97
C PRO A 325 -3.44 8.95 24.09
N THR A 326 -4.43 8.76 24.99
CA THR A 326 -4.41 7.71 25.97
C THR A 326 -4.88 6.37 25.44
N LEU A 327 -3.94 5.42 25.40
CA LEU A 327 -4.18 4.10 24.85
C LEU A 327 -3.86 3.02 25.91
N THR A 328 -4.53 1.89 25.78
CA THR A 328 -4.23 0.75 26.59
C THR A 328 -3.04 -0.02 26.01
N THR A 329 -2.48 -0.89 26.82
CA THR A 329 -1.42 -1.81 26.42
C THR A 329 -1.93 -3.25 26.53
N GLN A 330 -1.68 -4.03 25.46
CA GLN A 330 -2.00 -5.43 25.53
C GLN A 330 -1.18 -6.09 26.61
N PRO A 331 -1.79 -6.95 27.45
CA PRO A 331 -1.01 -7.57 28.53
C PRO A 331 0.09 -8.49 28.04
N GLY A 332 1.10 -8.69 28.84
CA GLY A 332 2.15 -9.66 28.54
C GLY A 332 3.47 -8.98 28.78
N ALA A 333 4.45 -9.81 29.17
CA ALA A 333 5.77 -9.32 29.48
C ALA A 333 6.68 -9.22 28.26
N SER A 334 6.43 -10.04 27.27
CA SER A 334 7.32 -10.11 26.12
C SER A 334 6.51 -9.94 24.85
N GLN A 335 7.23 -9.70 23.77
CA GLN A 335 6.60 -9.46 22.49
C GLN A 335 5.87 -10.68 22.00
N SER A 336 4.69 -10.48 21.44
CA SER A 336 3.99 -11.51 20.72
C SER A 336 4.54 -11.61 19.31
N LEU A 337 4.58 -12.80 18.76
CA LEU A 337 4.88 -13.00 17.39
C LEU A 337 3.81 -12.40 16.52
N ILE A 338 4.22 -11.81 15.39
CA ILE A 338 3.25 -11.28 14.40
C ILE A 338 3.01 -12.39 13.37
N ALA A 339 1.77 -12.90 13.34
CA ALA A 339 1.46 -14.03 12.52
C ALA A 339 1.75 -13.77 11.04
N HIS A 340 2.29 -14.79 10.41
CA HIS A 340 2.59 -14.76 8.99
C HIS A 340 1.35 -14.91 8.09
N CYS A 341 0.29 -15.49 8.62
CA CYS A 341 -0.93 -15.75 7.85
C CYS A 341 -2.14 -15.02 8.42
N PRO A 342 -3.06 -14.59 7.58
CA PRO A 342 -4.31 -13.97 8.11
C PRO A 342 -5.12 -14.75 9.16
N ASP A 343 -5.04 -16.08 9.17
CA ASP A 343 -5.73 -16.95 10.09
C ASP A 343 -4.84 -17.47 11.23
N GLY A 344 -3.60 -17.04 11.27
CA GLY A 344 -2.68 -17.52 12.28
C GLY A 344 -2.16 -18.89 11.93
N SER A 345 -2.45 -19.49 10.76
CA SER A 345 -1.99 -20.84 10.49
C SER A 345 -0.58 -20.94 10.01
N MET A 346 -0.08 -22.18 9.92
CA MET A 346 1.27 -22.50 9.49
C MET A 346 1.42 -22.47 8.00
N SER A 347 0.37 -22.30 7.19
CA SER A 347 0.62 -22.33 5.72
C SER A 347 -0.41 -21.47 5.03
N CYS A 348 0.11 -20.54 4.22
CA CYS A 348 -0.84 -19.73 3.43
C CYS A 348 -0.12 -19.21 2.19
N PRO A 349 0.36 -20.15 1.35
CA PRO A 349 1.13 -19.71 0.18
C PRO A 349 0.28 -18.96 -0.86
N GLY A 350 0.82 -17.87 -1.34
CA GLY A 350 0.06 -17.08 -2.30
C GLY A 350 0.18 -17.68 -3.68
N VAL A 351 -0.89 -17.56 -4.44
CA VAL A 351 -0.88 -17.96 -5.84
C VAL A 351 0.09 -17.07 -6.58
N GLN A 352 0.92 -17.64 -7.47
CA GLN A 352 1.86 -16.85 -8.26
C GLN A 352 1.98 -17.45 -9.64
N PHE A 353 1.78 -16.63 -10.63
CA PHE A 353 2.00 -16.96 -12.02
C PHE A 353 3.42 -16.58 -12.41
N ASN A 354 4.00 -17.41 -13.27
CA ASN A 354 5.21 -17.02 -13.98
C ASN A 354 4.91 -16.00 -15.03
N GLY A 355 5.86 -15.20 -15.44
CA GLY A 355 5.64 -14.22 -16.49
C GLY A 355 6.89 -13.50 -16.84
N PRO A 356 6.75 -12.45 -17.65
CA PRO A 356 7.89 -11.80 -18.28
C PRO A 356 8.64 -10.85 -17.39
N ALA A 357 8.03 -10.38 -16.32
CA ALA A 357 8.66 -9.39 -15.51
C ALA A 357 9.64 -10.00 -14.65
C1 NAG B . -4.07 -3.90 -23.98
C2 NAG B . -5.13 -4.80 -24.58
C3 NAG B . -4.75 -6.28 -24.42
C4 NAG B . -3.32 -6.52 -24.93
C5 NAG B . -2.35 -5.50 -24.27
C6 NAG B . -0.91 -5.66 -24.69
C7 NAG B . -7.29 -3.66 -24.45
C8 NAG B . -8.49 -3.35 -23.60
N2 NAG B . -6.38 -4.50 -23.96
O3 NAG B . -5.70 -7.07 -25.16
O4 NAG B . -2.86 -7.84 -24.55
O5 NAG B . -2.77 -4.19 -24.52
O6 NAG B . -0.83 -5.45 -26.06
O7 NAG B . -7.15 -3.12 -25.54
C1 NAG B . -3.04 -8.82 -25.53
C2 NAG B . -2.00 -9.94 -25.32
C3 NAG B . -2.28 -11.04 -26.34
C4 NAG B . -3.75 -11.52 -26.30
C5 NAG B . -4.69 -10.32 -26.40
C6 NAG B . -6.14 -10.71 -26.15
C7 NAG B . 0.26 -9.32 -24.60
C8 NAG B . 1.59 -8.68 -24.93
N2 NAG B . -0.71 -9.31 -25.52
O3 NAG B . -1.45 -12.11 -26.04
O4 NAG B . -4.01 -12.42 -27.38
O5 NAG B . -4.35 -9.37 -25.36
O6 NAG B . -7.00 -9.64 -26.43
O7 NAG B . 0.12 -9.79 -23.48
C1 MAN C . 1.48 -12.45 22.53
C2 MAN C . 0.61 -12.13 23.73
C3 MAN C . 1.39 -11.46 24.88
C4 MAN C . 2.64 -12.28 25.23
C5 MAN C . 3.41 -12.66 23.96
C6 MAN C . 4.46 -13.71 24.20
O2 MAN C . 0.04 -13.33 24.27
O3 MAN C . 0.55 -11.40 26.01
O4 MAN C . 3.43 -11.57 26.17
O5 MAN C . 2.59 -13.25 22.96
O6 MAN C . 5.38 -13.99 23.19
CA CA D . -2.08 -2.77 10.34
CA CA E . 3.10 3.82 -14.84
C1 GOL F . -5.48 -16.79 -15.48
O1 GOL F . -4.79 -17.45 -16.49
C2 GOL F . -6.84 -17.29 -15.13
O2 GOL F . -7.70 -17.43 -16.25
C3 GOL F . -7.44 -16.59 -13.97
O3 GOL F . -8.59 -17.23 -13.59
C1 GOL G . 2.61 0.18 -25.27
O1 GOL G . 1.46 0.89 -25.36
C2 GOL G . 2.67 -1.19 -25.90
O2 GOL G . 1.79 -2.14 -25.31
C3 GOL G . 4.06 -1.77 -25.50
O3 GOL G . 4.31 -2.44 -26.65
CHA HEM H . 6.13 -2.13 0.76
CHB HEM H . 8.85 1.88 0.61
CHC HEM H . 4.93 4.49 -0.25
CHD HEM H . 2.28 0.51 -0.46
C1A HEM H . 7.24 -1.26 0.76
C2A HEM H . 8.61 -1.69 0.91
C3A HEM H . 9.38 -0.59 0.84
C4A HEM H . 8.49 0.54 0.71
CMA HEM H . 10.89 -0.44 0.92
CAA HEM H . 9.09 -3.12 0.99
CBA HEM H . 9.36 -3.77 -0.35
CGA HEM H . 10.12 -5.07 -0.17
O1A HEM H . 11.30 -5.04 0.22
O2A HEM H . 9.52 -6.16 -0.41
C1B HEM H . 8.03 2.96 0.43
C2B HEM H . 8.46 4.34 0.37
C3B HEM H . 7.31 5.10 0.22
C4B HEM H . 6.21 4.17 0.08
CMB HEM H . 9.90 4.81 0.48
CAB HEM H . 7.20 6.50 0.14
CBB HEM H . 7.96 7.45 0.76
C1C HEM H . 3.86 3.63 -0.46
C2C HEM H . 2.55 4.03 -0.90
C3C HEM H . 1.81 2.90 -1.06
C4C HEM H . 2.68 1.81 -0.66
CMC HEM H . 2.18 5.40 -1.32
CAC HEM H . 0.48 2.75 -1.55
CBC HEM H . -0.57 3.60 -1.41
C1D HEM H . 3.05 -0.55 0.00
C2D HEM H . 2.61 -1.89 0.23
C3D HEM H . 3.70 -2.63 0.57
C4D HEM H . 4.82 -1.74 0.55
CMD HEM H . 1.16 -2.35 0.21
CAD HEM H . 3.74 -4.10 0.93
CBD HEM H . 4.06 -5.02 -0.20
CGD HEM H . 4.05 -6.48 0.21
O1D HEM H . 4.21 -7.30 -0.69
O2D HEM H . 3.79 -6.74 1.41
NA HEM H . 7.18 0.10 0.67
NB HEM H . 6.66 2.87 0.26
NC HEM H . 3.92 2.26 -0.27
ND HEM H . 4.41 -0.45 0.23
FE HEM H . 5.51 1.23 0.42
#